data_5Z7Q
#
_entry.id   5Z7Q
#
_cell.length_a   112.724
_cell.length_b   112.724
_cell.length_c   40.190
_cell.angle_alpha   90.000
_cell.angle_beta   90.000
_cell.angle_gamma   120.000
#
_symmetry.space_group_name_H-M   'P 62'
#
loop_
_entity.id
_entity.type
_entity.pdbx_description
1 polymer Flagellin
2 water water
#
_entity_poly.entity_id   1
_entity_poly.type   'polypeptide(L)'
_entity_poly.pdbx_seq_one_letter_code
;AKEGGLNVGQRNTQDAMSLLRTGDAALGSISNILLRMRDLATQAANGTNNATDTDSLDKEYVQLKDEIDHIAGKTNFNGN
SFLDTTATPPGKDIEIQLSDASGDTMTLKAIDTKSLTTGTLTNLKDRATAETEITKLDTAIQKINDERATFGSQLNRLDH
NLNNVTSQATNMAAAA
;
_entity_poly.pdbx_strand_id   A
#
# COMPACT_ATOMS: atom_id res chain seq x y z
N ALA A 1 6.76 22.67 -12.21
CA ALA A 1 8.08 22.99 -12.85
C ALA A 1 9.14 21.91 -12.58
N LYS A 2 10.15 21.89 -13.44
CA LYS A 2 11.30 21.00 -13.30
C LYS A 2 12.60 21.78 -13.10
N GLU A 3 13.60 21.12 -12.50
CA GLU A 3 14.97 21.64 -12.40
C GLU A 3 16.01 20.55 -12.66
N GLY A 4 16.43 20.43 -13.91
CA GLY A 4 17.30 19.35 -14.39
C GLY A 4 16.60 17.99 -14.36
N GLY A 5 15.38 17.95 -14.90
CA GLY A 5 14.56 16.73 -14.91
C GLY A 5 13.73 16.46 -13.67
N LEU A 6 14.19 16.98 -12.52
CA LEU A 6 13.55 16.75 -11.22
C LEU A 6 12.41 17.72 -10.96
N ASN A 7 11.28 17.17 -10.53
CA ASN A 7 10.04 17.90 -10.26
C ASN A 7 10.07 18.76 -8.98
N VAL A 8 9.81 20.07 -9.14
CA VAL A 8 9.97 21.06 -8.05
CA VAL A 8 9.96 21.07 -8.07
C VAL A 8 8.68 21.89 -7.85
N GLY A 9 8.52 22.46 -6.67
CA GLY A 9 7.48 23.47 -6.45
C GLY A 9 6.26 22.96 -5.74
N GLN A 10 5.47 23.89 -5.23
CA GLN A 10 4.33 23.57 -4.36
C GLN A 10 3.31 22.64 -5.02
N ARG A 11 2.97 22.92 -6.28
CA ARG A 11 1.92 22.15 -6.97
C ARG A 11 2.40 20.73 -7.24
N ASN A 12 3.69 20.59 -7.54
CA ASN A 12 4.30 19.26 -7.69
CA ASN A 12 4.30 19.27 -7.70
C ASN A 12 4.27 18.48 -6.39
N THR A 13 4.51 19.19 -5.28
CA THR A 13 4.43 18.55 -3.96
C THR A 13 3.00 18.15 -3.69
N GLN A 14 2.05 19.02 -4.04
CA GLN A 14 0.63 18.65 -3.85
C GLN A 14 0.23 17.43 -4.64
N ASP A 15 0.74 17.33 -5.87
CA ASP A 15 0.48 16.16 -6.73
C ASP A 15 0.97 14.88 -6.03
N ALA A 16 2.15 14.94 -5.46
CA ALA A 16 2.74 13.79 -4.77
C ALA A 16 1.95 13.42 -3.52
N MET A 17 1.46 14.44 -2.80
CA MET A 17 0.60 14.21 -1.63
C MET A 17 -0.71 13.51 -2.03
N SER A 18 -1.24 13.89 -3.19
CA SER A 18 -2.43 13.24 -3.75
CA SER A 18 -2.43 13.23 -3.76
C SER A 18 -2.15 11.77 -4.05
N LEU A 19 -0.99 11.48 -4.64
CA LEU A 19 -0.57 10.09 -4.88
C LEU A 19 -0.49 9.30 -3.57
N LEU A 20 0.08 9.92 -2.55
CA LEU A 20 0.18 9.27 -1.22
C LEU A 20 -1.17 8.96 -0.59
N ARG A 21 -2.11 9.91 -0.67
CA ARG A 21 -3.47 9.71 -0.17
C ARG A 21 -4.16 8.58 -0.95
N THR A 22 -3.98 8.57 -2.27
CA THR A 22 -4.51 7.48 -3.12
C THR A 22 -3.93 6.12 -2.74
N GLY A 23 -2.61 6.07 -2.58
CA GLY A 23 -1.90 4.84 -2.18
C GLY A 23 -2.34 4.33 -0.82
N ASP A 24 -2.40 5.23 0.17
CA ASP A 24 -2.85 4.85 1.50
C ASP A 24 -4.27 4.29 1.52
N ALA A 25 -5.19 4.96 0.83
CA ALA A 25 -6.58 4.55 0.79
C ALA A 25 -6.70 3.18 0.11
N ALA A 26 -5.92 2.97 -0.95
CA ALA A 26 -5.99 1.67 -1.66
C ALA A 26 -5.40 0.56 -0.80
N LEU A 27 -4.28 0.86 -0.12
CA LEU A 27 -3.68 -0.13 0.79
C LEU A 27 -4.59 -0.39 2.00
N GLY A 28 -5.30 0.64 2.43
CA GLY A 28 -6.33 0.51 3.48
C GLY A 28 -7.46 -0.43 3.08
N SER A 29 -7.90 -0.33 1.82
CA SER A 29 -8.91 -1.23 1.27
CA SER A 29 -8.91 -1.21 1.27
C SER A 29 -8.39 -2.66 1.26
N ILE A 30 -7.14 -2.83 0.81
CA ILE A 30 -6.47 -4.13 0.77
C ILE A 30 -6.34 -4.73 2.18
N SER A 31 -5.94 -3.91 3.14
CA SER A 31 -5.85 -4.34 4.53
C SER A 31 -7.22 -4.83 5.04
N ASN A 32 -8.29 -4.08 4.76
CA ASN A 32 -9.63 -4.50 5.21
C ASN A 32 -10.08 -5.81 4.58
N ILE A 33 -9.72 -6.01 3.32
CA ILE A 33 -9.97 -7.27 2.62
C ILE A 33 -9.21 -8.43 3.28
N LEU A 34 -7.93 -8.19 3.60
CA LEU A 34 -7.12 -9.19 4.30
C LEU A 34 -7.73 -9.56 5.64
N LEU A 35 -8.28 -8.57 6.37
CA LEU A 35 -8.99 -8.86 7.63
C LEU A 35 -10.20 -9.78 7.42
N ARG A 36 -10.97 -9.50 6.37
CA ARG A 36 -12.13 -10.35 6.04
C ARG A 36 -11.64 -11.74 5.65
N MET A 37 -10.56 -11.80 4.86
CA MET A 37 -9.95 -13.10 4.50
C MET A 37 -9.48 -13.90 5.72
N ARG A 38 -8.88 -13.20 6.69
CA ARG A 38 -8.47 -13.84 7.95
C ARG A 38 -9.68 -14.44 8.70
N ASP A 39 -10.80 -13.71 8.72
CA ASP A 39 -12.04 -14.20 9.32
CA ASP A 39 -12.07 -14.18 9.30
C ASP A 39 -12.52 -15.47 8.61
N LEU A 40 -12.56 -15.44 7.28
CA LEU A 40 -12.96 -16.60 6.48
C LEU A 40 -12.06 -17.80 6.72
N ALA A 41 -10.73 -17.58 6.73
CA ALA A 41 -9.77 -18.67 6.98
C ALA A 41 -9.93 -19.27 8.38
N THR A 42 -10.17 -18.41 9.36
CA THR A 42 -10.38 -18.84 10.75
C THR A 42 -11.63 -19.74 10.83
N GLN A 43 -12.72 -19.30 10.22
CA GLN A 43 -13.96 -20.13 10.12
C GLN A 43 -13.68 -21.47 9.43
N ALA A 44 -13.00 -21.42 8.28
CA ALA A 44 -12.72 -22.62 7.49
C ALA A 44 -11.77 -23.62 8.18
N ALA A 45 -10.84 -23.12 8.99
CA ALA A 45 -9.89 -23.97 9.71
C ALA A 45 -10.54 -24.69 10.91
N ASN A 46 -11.71 -24.19 11.31
CA ASN A 46 -12.35 -24.57 12.57
C ASN A 46 -12.66 -26.03 12.69
N GLY A 47 -13.06 -26.65 11.57
CA GLY A 47 -13.29 -28.09 11.48
C GLY A 47 -14.70 -28.52 11.12
N THR A 48 -15.62 -27.56 11.16
CA THR A 48 -17.07 -27.80 11.36
C THR A 48 -17.96 -27.62 10.12
N ASN A 49 -17.36 -27.29 8.98
CA ASN A 49 -18.09 -27.00 7.73
C ASN A 49 -18.23 -28.21 6.80
N ASN A 50 -19.44 -28.39 6.25
CA ASN A 50 -19.72 -29.41 5.22
C ASN A 50 -19.17 -29.03 3.83
N ALA A 51 -19.42 -29.90 2.84
CA ALA A 51 -19.01 -29.70 1.44
C ALA A 51 -19.42 -28.34 0.84
N THR A 52 -20.68 -27.96 1.06
CA THR A 52 -21.25 -26.71 0.53
C THR A 52 -20.64 -25.48 1.18
N ASP A 53 -20.57 -25.48 2.52
CA ASP A 53 -20.04 -24.36 3.30
C ASP A 53 -18.55 -24.16 3.04
N THR A 54 -17.81 -25.28 2.92
CA THR A 54 -16.40 -25.27 2.55
C THR A 54 -16.21 -24.57 1.20
N ASP A 55 -17.06 -24.92 0.22
CA ASP A 55 -17.03 -24.31 -1.11
C ASP A 55 -17.34 -22.80 -1.10
N SER A 56 -18.36 -22.40 -0.33
CA SER A 56 -18.79 -21.00 -0.27
CA SER A 56 -18.79 -21.00 -0.26
C SER A 56 -17.72 -20.12 0.37
N LEU A 57 -17.09 -20.60 1.45
CA LEU A 57 -15.99 -19.86 2.09
C LEU A 57 -14.81 -19.72 1.13
N ASP A 58 -14.48 -20.81 0.43
CA ASP A 58 -13.38 -20.82 -0.54
C ASP A 58 -13.65 -19.85 -1.70
N LYS A 59 -14.87 -19.91 -2.25
CA LYS A 59 -15.30 -18.99 -3.31
C LYS A 59 -15.14 -17.52 -2.90
N GLU A 60 -15.65 -17.15 -1.72
CA GLU A 60 -15.52 -15.77 -1.25
C GLU A 60 -14.06 -15.38 -1.04
N TYR A 61 -13.28 -16.28 -0.43
CA TYR A 61 -11.85 -16.03 -0.20
C TYR A 61 -11.08 -15.75 -1.48
N VAL A 62 -11.32 -16.58 -2.50
CA VAL A 62 -10.68 -16.42 -3.82
C VAL A 62 -11.14 -15.12 -4.52
N GLN A 63 -12.42 -14.79 -4.38
CA GLN A 63 -12.95 -13.54 -4.93
C GLN A 63 -12.23 -12.34 -4.29
N LEU A 64 -11.98 -12.43 -2.99
CA LEU A 64 -11.27 -11.38 -2.27
C LEU A 64 -9.80 -11.23 -2.67
N LYS A 65 -9.13 -12.37 -2.89
CA LYS A 65 -7.79 -12.39 -3.49
C LYS A 65 -7.73 -11.65 -4.83
N ASP A 66 -8.70 -11.93 -5.69
CA ASP A 66 -8.81 -11.26 -6.98
C ASP A 66 -9.08 -9.76 -6.82
N GLU A 67 -9.87 -9.39 -5.81
CA GLU A 67 -10.16 -7.98 -5.57
C GLU A 67 -8.87 -7.24 -5.16
N ILE A 68 -8.06 -7.87 -4.30
CA ILE A 68 -6.74 -7.31 -3.93
C ILE A 68 -5.89 -7.07 -5.18
N ASP A 69 -5.81 -8.08 -6.05
CA ASP A 69 -5.03 -7.95 -7.29
C ASP A 69 -5.58 -6.83 -8.19
N HIS A 70 -6.91 -6.73 -8.26
CA HIS A 70 -7.56 -5.66 -9.03
C HIS A 70 -7.15 -4.29 -8.49
N ILE A 71 -7.31 -4.08 -7.19
CA ILE A 71 -6.90 -2.82 -6.52
C ILE A 71 -5.41 -2.52 -6.74
N ALA A 72 -4.56 -3.53 -6.57
CA ALA A 72 -3.12 -3.38 -6.79
C ALA A 72 -2.78 -2.90 -8.20
N GLY A 73 -3.49 -3.44 -9.20
CA GLY A 73 -3.25 -3.07 -10.60
C GLY A 73 -3.89 -1.77 -11.06
N LYS A 74 -5.07 -1.45 -10.52
CA LYS A 74 -5.89 -0.30 -10.97
CA LYS A 74 -5.85 -0.29 -11.00
C LYS A 74 -5.48 1.03 -10.35
N THR A 75 -5.04 0.99 -9.10
CA THR A 75 -4.63 2.18 -8.38
C THR A 75 -3.50 2.85 -9.16
N ASN A 76 -3.60 4.16 -9.31
CA ASN A 76 -2.58 4.88 -10.05
C ASN A 76 -2.54 6.34 -9.72
N PHE A 77 -1.40 6.93 -9.96
CA PHE A 77 -1.30 8.38 -10.01
C PHE A 77 -0.91 8.78 -11.43
N ASN A 78 -1.83 9.45 -12.11
CA ASN A 78 -1.58 9.92 -13.47
C ASN A 78 -1.07 8.79 -14.37
N GLY A 79 -1.66 7.60 -14.17
CA GLY A 79 -1.41 6.42 -14.99
C GLY A 79 -0.26 5.54 -14.53
N ASN A 80 0.39 5.95 -13.44
CA ASN A 80 1.51 5.21 -12.87
C ASN A 80 0.93 4.28 -11.80
N SER A 81 0.93 2.97 -12.07
CA SER A 81 0.40 1.97 -11.15
CA SER A 81 0.40 1.96 -11.14
C SER A 81 1.44 1.64 -10.07
N PHE A 82 1.65 2.59 -9.16
CA PHE A 82 2.73 2.51 -8.21
C PHE A 82 2.58 1.44 -7.10
N LEU A 83 1.41 0.80 -7.01
CA LEU A 83 1.25 -0.34 -6.09
C LEU A 83 1.58 -1.67 -6.76
N ASP A 84 1.94 -1.64 -8.05
CA ASP A 84 2.26 -2.86 -8.75
C ASP A 84 3.43 -2.69 -9.71
N THR A 85 4.64 -2.95 -9.20
CA THR A 85 5.85 -2.93 -10.02
C THR A 85 5.93 -4.07 -11.05
N THR A 86 4.97 -4.98 -11.00
CA THR A 86 4.92 -6.09 -11.98
C THR A 86 3.94 -5.83 -13.13
N ALA A 87 3.24 -4.69 -13.09
CA ALA A 87 2.28 -4.33 -14.14
C ALA A 87 2.96 -4.06 -15.49
N THR A 88 2.16 -3.96 -16.54
CA THR A 88 2.64 -3.55 -17.85
C THR A 88 1.82 -2.34 -18.31
N PRO A 89 2.42 -1.12 -18.34
CA PRO A 89 3.79 -0.86 -17.89
C PRO A 89 3.91 -0.89 -16.35
N PRO A 90 5.12 -1.17 -15.82
CA PRO A 90 5.27 -1.28 -14.36
C PRO A 90 5.07 0.05 -13.63
N GLY A 91 4.58 -0.04 -12.40
CA GLY A 91 4.62 1.10 -11.48
C GLY A 91 6.06 1.54 -11.30
N LYS A 92 6.25 2.84 -11.16
CA LYS A 92 7.59 3.40 -10.97
C LYS A 92 7.61 4.39 -9.83
N ASP A 93 8.81 4.59 -9.28
CA ASP A 93 9.05 5.58 -8.24
C ASP A 93 8.69 6.98 -8.72
N ILE A 94 8.22 7.81 -7.80
CA ILE A 94 7.94 9.22 -8.07
C ILE A 94 8.94 10.01 -7.23
N GLU A 95 9.72 10.87 -7.89
CA GLU A 95 10.70 11.74 -7.22
C GLU A 95 10.12 13.12 -6.98
N ILE A 96 10.32 13.63 -5.76
CA ILE A 96 9.75 14.92 -5.37
C ILE A 96 10.87 15.77 -4.78
N GLN A 97 11.16 16.91 -5.37
CA GLN A 97 12.16 17.81 -4.80
C GLN A 97 11.50 18.63 -3.68
N LEU A 98 12.12 18.62 -2.48
CA LEU A 98 11.59 19.40 -1.36
CA LEU A 98 11.62 19.39 -1.33
C LEU A 98 12.05 20.85 -1.47
N SER A 99 11.22 21.78 -0.99
CA SER A 99 11.49 23.22 -1.11
CA SER A 99 11.49 23.23 -1.11
C SER A 99 12.19 23.78 0.12
N ASP A 100 13.15 24.69 -0.11
CA ASP A 100 13.95 25.32 0.96
C ASP A 100 14.51 24.24 1.94
N ALA A 101 15.13 23.20 1.37
CA ALA A 101 15.63 22.05 2.14
C ALA A 101 16.97 21.54 1.58
N SER A 102 17.79 22.48 1.10
CA SER A 102 19.12 22.20 0.53
C SER A 102 19.12 21.14 -0.59
N GLY A 103 18.04 21.09 -1.36
CA GLY A 103 17.94 20.18 -2.49
C GLY A 103 17.58 18.74 -2.13
N ASP A 104 17.15 18.50 -0.89
CA ASP A 104 16.65 17.17 -0.49
C ASP A 104 15.54 16.70 -1.43
N THR A 105 15.56 15.40 -1.77
CA THR A 105 14.56 14.76 -2.62
CA THR A 105 14.56 14.78 -2.62
C THR A 105 13.90 13.64 -1.85
N MET A 106 12.58 13.50 -2.03
CA MET A 106 11.85 12.36 -1.49
C MET A 106 11.50 11.43 -2.66
N THR A 107 11.60 10.13 -2.42
CA THR A 107 11.15 9.12 -3.40
C THR A 107 9.93 8.40 -2.85
N LEU A 108 8.79 8.54 -3.53
CA LEU A 108 7.65 7.67 -3.28
C LEU A 108 7.99 6.38 -4.03
N LYS A 109 8.31 5.34 -3.28
CA LYS A 109 8.73 4.07 -3.87
C LYS A 109 7.53 3.22 -4.30
N ALA A 110 7.54 2.82 -5.58
CA ALA A 110 6.58 1.87 -6.09
C ALA A 110 6.87 0.51 -5.45
N ILE A 111 5.80 -0.26 -5.22
CA ILE A 111 5.93 -1.54 -4.51
C ILE A 111 5.28 -2.70 -5.28
N ASP A 112 5.57 -3.91 -4.82
CA ASP A 112 5.03 -5.14 -5.40
C ASP A 112 3.99 -5.62 -4.40
N THR A 113 2.79 -5.03 -4.46
CA THR A 113 1.75 -5.28 -3.46
C THR A 113 1.28 -6.76 -3.53
N LYS A 114 1.20 -7.29 -4.74
CA LYS A 114 0.84 -8.70 -4.92
C LYS A 114 1.80 -9.65 -4.20
N SER A 115 3.11 -9.39 -4.33
CA SER A 115 4.13 -10.23 -3.69
CA SER A 115 4.14 -10.22 -3.69
C SER A 115 3.97 -10.25 -2.16
N LEU A 116 3.54 -9.13 -1.60
CA LEU A 116 3.31 -9.00 -0.16
C LEU A 116 1.99 -9.59 0.31
N THR A 117 1.10 -9.88 -0.62
CA THR A 117 -0.26 -10.32 -0.26
C THR A 117 -0.85 -11.59 -0.87
N THR A 118 -1.33 -11.48 -2.12
CA THR A 118 -1.87 -12.65 -2.83
C THR A 118 -0.83 -13.67 -3.29
N GLY A 119 0.38 -13.22 -3.60
CA GLY A 119 1.47 -14.13 -3.98
C GLY A 119 1.82 -15.14 -2.89
N THR A 120 1.49 -14.80 -1.64
CA THR A 120 1.74 -15.68 -0.50
C THR A 120 0.54 -16.51 -0.09
N LEU A 121 -0.61 -16.30 -0.75
CA LEU A 121 -1.86 -16.95 -0.34
C LEU A 121 -2.32 -17.97 -1.35
N THR A 122 -3.13 -18.91 -0.89
CA THR A 122 -3.64 -19.96 -1.78
C THR A 122 -5.16 -20.03 -1.90
N ASN A 123 -5.81 -20.80 -1.02
CA ASN A 123 -7.27 -20.89 -0.99
C ASN A 123 -7.73 -21.57 0.30
N LEU A 124 -9.04 -21.82 0.42
CA LEU A 124 -9.59 -22.53 1.58
C LEU A 124 -10.25 -23.84 1.14
N LYS A 125 -9.62 -24.50 0.17
CA LYS A 125 -10.17 -25.74 -0.44
C LYS A 125 -10.38 -26.84 0.59
N ASP A 126 -9.57 -26.81 1.64
CA ASP A 126 -9.73 -27.77 2.73
C ASP A 126 -9.32 -27.14 4.06
N ARG A 127 -9.71 -27.81 5.13
CA ARG A 127 -9.54 -27.31 6.49
CA ARG A 127 -9.53 -27.30 6.49
C ARG A 127 -8.06 -27.05 6.84
N ALA A 128 -7.21 -28.02 6.51
CA ALA A 128 -5.78 -27.96 6.79
C ALA A 128 -5.12 -26.77 6.10
N THR A 129 -5.48 -26.54 4.84
CA THR A 129 -4.96 -25.40 4.07
C THR A 129 -5.43 -24.09 4.71
N ALA A 130 -6.71 -24.04 5.09
CA ALA A 130 -7.27 -22.85 5.76
C ALA A 130 -6.48 -22.48 7.01
N GLU A 131 -6.14 -23.49 7.82
CA GLU A 131 -5.36 -23.25 9.02
C GLU A 131 -4.03 -22.53 8.74
N THR A 132 -3.28 -23.02 7.75
CA THR A 132 -1.98 -22.43 7.43
C THR A 132 -2.11 -21.05 6.77
N GLU A 133 -3.24 -20.80 6.11
CA GLU A 133 -3.53 -19.45 5.56
C GLU A 133 -3.58 -18.35 6.62
N ILE A 134 -4.11 -18.66 7.80
CA ILE A 134 -4.24 -17.68 8.89
C ILE A 134 -2.91 -16.97 9.19
N THR A 135 -1.86 -17.76 9.38
CA THR A 135 -0.51 -17.25 9.67
C THR A 135 -0.01 -16.34 8.52
N LYS A 136 -0.20 -16.81 7.29
CA LYS A 136 0.20 -16.07 6.09
CA LYS A 136 0.21 -16.06 6.12
C LYS A 136 -0.57 -14.75 6.02
N LEU A 137 -1.87 -14.79 6.36
CA LEU A 137 -2.70 -13.57 6.36
C LEU A 137 -2.22 -12.58 7.43
N ASP A 138 -1.91 -13.07 8.63
CA ASP A 138 -1.33 -12.18 9.67
C ASP A 138 -0.04 -11.50 9.17
N THR A 139 0.82 -12.28 8.50
CA THR A 139 2.07 -11.72 7.95
C THR A 139 1.79 -10.60 6.94
N ALA A 140 0.83 -10.86 6.05
CA ALA A 140 0.47 -9.89 5.00
C ALA A 140 -0.15 -8.63 5.60
N ILE A 141 -0.98 -8.81 6.61
CA ILE A 141 -1.60 -7.67 7.31
C ILE A 141 -0.50 -6.75 7.87
N GLN A 142 0.52 -7.35 8.48
CA GLN A 142 1.63 -6.55 9.05
C GLN A 142 2.47 -5.88 7.98
N LYS A 143 2.74 -6.58 6.88
CA LYS A 143 3.51 -5.97 5.79
C LYS A 143 2.78 -4.76 5.23
N ILE A 144 1.47 -4.90 5.03
CA ILE A 144 0.67 -3.80 4.50
C ILE A 144 0.60 -2.63 5.49
N ASN A 145 0.51 -2.94 6.78
CA ASN A 145 0.58 -1.90 7.83
C ASN A 145 1.89 -1.08 7.75
N ASP A 146 3.01 -1.74 7.50
CA ASP A 146 4.29 -1.04 7.30
C ASP A 146 4.27 -0.17 6.05
N GLU A 147 3.73 -0.69 4.95
CA GLU A 147 3.67 0.11 3.71
C GLU A 147 2.80 1.34 3.85
N ARG A 148 1.67 1.20 4.54
CA ARG A 148 0.80 2.35 4.84
C ARG A 148 1.48 3.36 5.78
N ALA A 149 2.22 2.85 6.77
CA ALA A 149 2.97 3.69 7.68
C ALA A 149 3.98 4.54 6.90
N THR A 150 4.64 3.92 5.92
CA THR A 150 5.58 4.65 5.06
C THR A 150 4.85 5.81 4.34
N PHE A 151 3.73 5.52 3.71
CA PHE A 151 3.01 6.56 2.93
C PHE A 151 2.47 7.66 3.82
N GLY A 152 1.96 7.28 5.00
CA GLY A 152 1.47 8.21 6.02
C GLY A 152 2.56 9.15 6.51
N SER A 153 3.75 8.58 6.75
CA SER A 153 4.86 9.38 7.22
C SER A 153 5.33 10.32 6.10
N GLN A 154 5.41 9.81 4.87
CA GLN A 154 5.84 10.66 3.75
C GLN A 154 4.85 11.79 3.53
N LEU A 155 3.55 11.51 3.69
CA LEU A 155 2.52 12.56 3.60
C LEU A 155 2.74 13.66 4.65
N ASN A 156 2.98 13.28 5.90
CA ASN A 156 3.29 14.24 6.98
C ASN A 156 4.50 15.09 6.63
N ARG A 157 5.55 14.43 6.12
CA ARG A 157 6.79 15.11 5.74
C ARG A 157 6.54 16.13 4.63
N LEU A 158 5.78 15.73 3.60
CA LEU A 158 5.42 16.67 2.52
C LEU A 158 4.52 17.80 2.98
N ASP A 159 3.58 17.48 3.87
CA ASP A 159 2.71 18.50 4.45
CA ASP A 159 2.70 18.47 4.51
C ASP A 159 3.55 19.56 5.17
N HIS A 160 4.50 19.12 5.98
CA HIS A 160 5.38 20.08 6.69
C HIS A 160 6.20 20.92 5.71
N ASN A 161 6.68 20.29 4.64
CA ASN A 161 7.45 21.03 3.64
C ASN A 161 6.62 22.05 2.88
N LEU A 162 5.47 21.61 2.38
CA LEU A 162 4.60 22.47 1.57
C LEU A 162 4.05 23.64 2.42
N ASN A 163 3.60 23.31 3.64
CA ASN A 163 2.95 24.28 4.54
C ASN A 163 3.89 25.04 5.46
N ASN A 164 5.20 24.79 5.32
CA ASN A 164 6.23 25.50 6.10
C ASN A 164 5.96 25.34 7.62
N VAL A 165 5.72 24.08 8.01
CA VAL A 165 5.44 23.73 9.40
C VAL A 165 6.67 23.08 10.00
N THR A 166 7.08 23.63 11.14
CA THR A 166 8.22 23.14 11.92
CA THR A 166 8.21 23.13 11.90
C THR A 166 7.74 22.51 13.22
N SER A 167 8.32 21.37 13.56
CA SER A 167 7.95 20.62 14.75
C SER A 167 9.20 20.33 15.58
N GLN A 168 9.04 19.58 16.67
CA GLN A 168 10.17 19.11 17.48
C GLN A 168 11.20 18.34 16.62
N ALA A 169 10.69 17.51 15.70
CA ALA A 169 11.52 16.70 14.80
C ALA A 169 12.37 17.56 13.84
N THR A 170 11.78 18.65 13.34
CA THR A 170 12.49 19.64 12.50
C THR A 170 13.63 20.30 13.27
N ASN A 171 13.32 20.80 14.48
CA ASN A 171 14.31 21.40 15.39
C ASN A 171 15.45 20.46 15.76
N MET A 172 15.12 19.20 15.98
CA MET A 172 16.12 18.15 16.27
C MET A 172 17.04 17.88 15.10
N ALA A 173 16.47 17.85 13.88
CA ALA A 173 17.20 17.54 12.64
C ALA A 173 17.94 18.74 12.01
N ALA A 174 17.73 19.93 12.57
CA ALA A 174 18.26 21.20 12.03
C ALA A 174 19.78 21.22 11.86
N ALA A 175 20.50 20.74 12.88
CA ALA A 175 21.97 20.63 12.86
C ALA A 175 22.51 19.68 11.78
N ALA A 176 21.81 18.56 11.56
CA ALA A 176 22.18 17.58 10.52
C ALA A 176 21.78 18.07 9.14
#